data_6NOU
#
_entry.id   6NOU
#
_cell.length_a   94.445
_cell.length_b   127.304
_cell.length_c   43.023
_cell.angle_alpha   90.000
_cell.angle_beta   90.000
_cell.angle_gamma   90.000
#
_symmetry.space_group_name_H-M   'C 2 2 2'
#
loop_
_entity.id
_entity.type
_entity.pdbx_description
1 polymer 'scFv derived from ixekizumab'
2 non-polymer GLYCEROL
3 water water
#
_entity_poly.entity_id   1
_entity_poly.type   'polypeptide(L)'
_entity_poly.pdbx_seq_one_letter_code
;QVQLVQSGAEVKKPGSSVKVSCKASGYSFTDYHIHWVRQAPGQCLEWMGVINPMYGTTDYNQRFKGRVTITADESTSTAY
MELSSLRSEDTAVYYCARYDYFTGTGVYWGQGTLVTVSSQPDGGSGGSGGGSGGSKADYEKHKVDIVMTQTPLSLSVTPG
QPASISCRSSRSLVHSRGNTYLHWYLQKPGQSPQLLIYKVSNRFIGVPDRFSGSGSGTDFTLKISRVEAEDVGVYYCSQS
THLPFTFGCGTKLEIK
;
_entity_poly.pdbx_strand_id   A
#
loop_
_chem_comp.id
_chem_comp.type
_chem_comp.name
_chem_comp.formula
GOL non-polymer GLYCEROL 'C3 H8 O3'
#
# COMPACT_ATOMS: atom_id res chain seq x y z
N GLN A 1 14.99 -1.94 15.02
CA GLN A 1 13.75 -1.45 14.42
C GLN A 1 13.65 -1.94 12.99
N VAL A 2 12.45 -2.34 12.53
CA VAL A 2 12.27 -2.82 11.15
C VAL A 2 12.43 -1.64 10.19
N GLN A 3 13.25 -1.84 9.15
CA GLN A 3 13.55 -0.82 8.15
C GLN A 3 13.63 -1.43 6.75
N LEU A 4 13.07 -0.72 5.75
CA LEU A 4 13.18 -1.09 4.34
C LEU A 4 13.76 0.14 3.65
N VAL A 5 14.96 -0.01 3.06
CA VAL A 5 15.69 1.09 2.40
C VAL A 5 15.80 0.74 0.95
N GLN A 6 15.24 1.60 0.11
CA GLN A 6 15.22 1.38 -1.33
C GLN A 6 16.32 2.13 -2.02
N SER A 7 16.65 1.70 -3.25
CA SER A 7 17.63 2.39 -4.08
C SER A 7 17.08 3.77 -4.52
N GLY A 8 17.99 4.61 -5.00
CA GLY A 8 17.69 5.98 -5.40
C GLY A 8 16.87 6.09 -6.66
N ALA A 9 16.37 7.31 -6.91
CA ALA A 9 15.55 7.68 -8.07
C ALA A 9 16.25 7.40 -9.38
N GLU A 10 15.46 7.01 -10.40
CA GLU A 10 15.94 6.64 -11.72
C GLU A 10 15.22 7.42 -12.81
N VAL A 11 15.97 7.83 -13.84
CA VAL A 11 15.43 8.49 -15.03
C VAL A 11 15.77 7.52 -16.16
N LYS A 12 14.75 7.02 -16.84
CA LYS A 12 14.93 6.00 -17.89
C LYS A 12 14.24 6.36 -19.20
N LYS A 13 14.78 5.88 -20.32
CA LYS A 13 14.22 6.12 -21.63
C LYS A 13 13.15 5.06 -21.88
N PRO A 14 12.09 5.33 -22.67
CA PRO A 14 11.13 4.26 -22.96
C PRO A 14 11.82 3.07 -23.65
N GLY A 15 11.40 1.85 -23.29
CA GLY A 15 11.96 0.61 -23.80
C GLY A 15 13.09 0.05 -22.97
N SER A 16 13.64 0.84 -22.03
CA SER A 16 14.71 0.33 -21.17
C SER A 16 14.14 -0.51 -20.01
N SER A 17 15.02 -0.97 -19.12
CA SER A 17 14.67 -1.76 -17.95
C SER A 17 15.13 -1.01 -16.70
N VAL A 18 14.45 -1.24 -15.58
CA VAL A 18 14.84 -0.66 -14.29
C VAL A 18 14.81 -1.78 -13.24
N LYS A 19 15.75 -1.76 -12.29
CA LYS A 19 15.81 -2.75 -11.22
C LYS A 19 15.96 -1.97 -9.92
N VAL A 20 14.93 -2.06 -9.07
CA VAL A 20 14.83 -1.34 -7.80
C VAL A 20 15.18 -2.30 -6.67
N SER A 21 15.97 -1.85 -5.70
CA SER A 21 16.34 -2.70 -4.59
C SER A 21 15.59 -2.28 -3.34
N CYS A 22 15.42 -3.23 -2.40
CA CYS A 22 14.73 -3.04 -1.13
C CYS A 22 15.52 -3.80 -0.08
N LYS A 23 16.37 -3.08 0.67
CA LYS A 23 17.20 -3.65 1.71
C LYS A 23 16.47 -3.65 3.05
N ALA A 24 16.26 -4.86 3.58
CA ALA A 24 15.56 -5.13 4.84
C ALA A 24 16.52 -5.28 6.01
N SER A 25 16.11 -4.78 7.19
CA SER A 25 16.88 -4.95 8.43
C SER A 25 15.91 -4.92 9.61
N GLY A 26 16.33 -5.49 10.74
CA GLY A 26 15.56 -5.47 11.98
C GLY A 26 14.64 -6.64 12.23
N TYR A 27 14.62 -7.63 11.32
CA TYR A 27 13.81 -8.85 11.46
C TYR A 27 14.47 -9.92 10.62
N SER A 28 13.96 -11.17 10.72
CA SER A 28 14.44 -12.32 9.95
C SER A 28 13.85 -12.23 8.55
N PHE A 29 14.68 -11.81 7.59
CA PHE A 29 14.32 -11.55 6.20
C PHE A 29 13.47 -12.65 5.53
N THR A 30 13.80 -13.91 5.75
CA THR A 30 13.11 -15.03 5.09
C THR A 30 11.75 -15.33 5.69
N ASP A 31 11.43 -14.76 6.85
CA ASP A 31 10.18 -15.08 7.48
C ASP A 31 8.98 -14.24 7.05
N TYR A 32 9.20 -13.20 6.19
CA TYR A 32 8.12 -12.31 5.74
C TYR A 32 8.11 -12.12 4.25
N HIS A 33 6.91 -12.00 3.69
CA HIS A 33 6.73 -11.75 2.27
C HIS A 33 7.00 -10.27 1.93
N ILE A 34 7.63 -10.01 0.77
CA ILE A 34 7.89 -8.64 0.33
C ILE A 34 7.03 -8.43 -0.86
N HIS A 35 6.22 -7.38 -0.81
CA HIS A 35 5.34 -7.03 -1.92
C HIS A 35 5.84 -5.74 -2.55
N TRP A 36 5.52 -5.53 -3.83
CA TRP A 36 5.85 -4.28 -4.54
C TRP A 36 4.59 -3.62 -4.98
N VAL A 37 4.47 -2.34 -4.67
CA VAL A 37 3.27 -1.56 -5.01
C VAL A 37 3.74 -0.26 -5.69
N ARG A 38 3.08 0.18 -6.74
CA ARG A 38 3.47 1.44 -7.34
C ARG A 38 2.40 2.49 -7.23
N GLN A 39 2.86 3.73 -7.22
CA GLN A 39 1.96 4.85 -7.12
C GLN A 39 2.20 5.73 -8.34
N ALA A 40 1.32 5.57 -9.32
CA ALA A 40 1.35 6.33 -10.56
C ALA A 40 0.86 7.77 -10.24
N PRO A 41 1.05 8.72 -11.16
CA PRO A 41 0.70 10.12 -10.86
C PRO A 41 -0.77 10.42 -10.57
N GLY A 42 -1.69 9.59 -11.09
CA GLY A 42 -3.12 9.70 -10.75
C GLY A 42 -3.40 9.32 -9.30
N GLN A 43 -2.32 9.00 -8.53
CA GLN A 43 -2.20 8.64 -7.12
C GLN A 43 -2.98 7.35 -6.68
N CYS A 44 -3.42 6.52 -7.65
CA CYS A 44 -4.02 5.22 -7.29
C CYS A 44 -2.84 4.32 -6.90
N LEU A 45 -3.08 3.32 -6.04
CA LEU A 45 -2.00 2.43 -5.67
C LEU A 45 -2.28 1.15 -6.42
N GLU A 46 -1.23 0.62 -7.07
CA GLU A 46 -1.28 -0.56 -7.92
C GLU A 46 -0.31 -1.60 -7.40
N TRP A 47 -0.84 -2.73 -6.95
CA TRP A 47 -0.06 -3.85 -6.47
C TRP A 47 0.59 -4.54 -7.68
N MET A 48 1.89 -4.81 -7.61
CA MET A 48 2.63 -5.39 -8.75
C MET A 48 2.93 -6.86 -8.56
N GLY A 49 3.28 -7.24 -7.33
CA GLY A 49 3.65 -8.61 -7.03
C GLY A 49 4.22 -8.81 -5.64
N VAL A 50 4.58 -10.07 -5.36
CA VAL A 50 5.11 -10.53 -4.08
C VAL A 50 6.20 -11.60 -4.26
N ILE A 51 7.15 -11.61 -3.33
CA ILE A 51 8.13 -12.67 -3.22
C ILE A 51 8.07 -13.21 -1.80
N ASN A 52 8.12 -14.56 -1.67
CA ASN A 52 8.26 -15.23 -0.38
C ASN A 52 9.76 -15.55 -0.37
N PRO A 53 10.59 -14.78 0.39
CA PRO A 53 12.06 -14.97 0.29
C PRO A 53 12.62 -16.27 0.84
N MET A 54 11.79 -17.04 1.55
CA MET A 54 12.21 -18.31 2.12
C MET A 54 12.45 -19.31 0.98
N TYR A 55 11.57 -19.27 -0.06
CA TYR A 55 11.57 -20.18 -1.20
C TYR A 55 11.83 -19.55 -2.57
N GLY A 56 11.76 -18.23 -2.65
CA GLY A 56 11.93 -17.52 -3.92
C GLY A 56 10.70 -17.60 -4.79
N THR A 57 9.56 -18.03 -4.20
CA THR A 57 8.31 -18.12 -4.93
C THR A 57 7.70 -16.72 -5.07
N THR A 58 7.14 -16.44 -6.25
CA THR A 58 6.52 -15.16 -6.57
C THR A 58 5.08 -15.30 -7.07
N ASP A 59 4.36 -14.18 -7.11
CA ASP A 59 3.05 -14.05 -7.69
C ASP A 59 2.99 -12.62 -8.21
N TYR A 60 2.50 -12.43 -9.44
CA TYR A 60 2.48 -11.12 -10.06
C TYR A 60 1.11 -10.71 -10.47
N ASN A 61 0.89 -9.38 -10.57
CA ASN A 61 -0.34 -8.82 -11.10
C ASN A 61 -0.32 -9.12 -12.60
N GLN A 62 -1.38 -9.78 -13.12
CA GLN A 62 -1.56 -10.16 -14.54
C GLN A 62 -1.28 -9.01 -15.53
N ARG A 63 -1.66 -7.76 -15.19
CA ARG A 63 -1.44 -6.58 -16.03
C ARG A 63 0.04 -6.35 -16.38
N PHE A 64 0.96 -6.90 -15.55
CA PHE A 64 2.42 -6.78 -15.69
C PHE A 64 3.13 -8.07 -16.10
N LYS A 65 2.39 -9.19 -16.25
CA LYS A 65 2.93 -10.51 -16.63
C LYS A 65 3.88 -10.42 -17.83
N GLY A 66 5.07 -11.00 -17.68
CA GLY A 66 6.10 -11.02 -18.70
C GLY A 66 6.89 -9.73 -18.80
N ARG A 67 6.73 -8.84 -17.82
CA ARG A 67 7.40 -7.54 -17.78
C ARG A 67 8.08 -7.26 -16.43
N VAL A 68 7.56 -7.86 -15.34
CA VAL A 68 8.06 -7.70 -13.97
C VAL A 68 8.75 -8.98 -13.50
N THR A 69 9.86 -8.83 -12.79
CA THR A 69 10.53 -9.94 -12.13
C THR A 69 10.91 -9.47 -10.72
N ILE A 70 10.46 -10.24 -9.71
CA ILE A 70 10.78 -9.96 -8.32
C ILE A 70 11.71 -11.06 -7.81
N THR A 71 12.84 -10.65 -7.24
CA THR A 71 13.87 -11.55 -6.76
C THR A 71 14.26 -11.16 -5.37
N ALA A 72 14.86 -12.09 -4.63
CA ALA A 72 15.31 -11.82 -3.28
C ALA A 72 16.66 -12.49 -3.04
N ASP A 73 17.54 -11.78 -2.33
CA ASP A 73 18.87 -12.26 -1.97
C ASP A 73 18.95 -12.32 -0.44
N GLU A 74 18.89 -13.53 0.11
CA GLU A 74 18.96 -13.78 1.56
C GLU A 74 20.29 -13.32 2.17
N SER A 75 21.42 -13.52 1.46
CA SER A 75 22.71 -13.09 2.01
C SER A 75 22.81 -11.58 2.21
N THR A 76 22.08 -10.80 1.38
CA THR A 76 22.08 -9.33 1.54
C THR A 76 20.77 -8.81 2.19
N SER A 77 19.74 -9.70 2.41
CA SER A 77 18.41 -9.34 2.97
C SER A 77 17.80 -8.24 2.05
N THR A 78 17.92 -8.44 0.73
CA THR A 78 17.47 -7.47 -0.25
C THR A 78 16.51 -8.10 -1.23
N ALA A 79 15.40 -7.40 -1.48
CA ALA A 79 14.45 -7.83 -2.49
C ALA A 79 14.59 -6.86 -3.67
N TYR A 80 14.26 -7.33 -4.88
CA TYR A 80 14.40 -6.54 -6.08
C TYR A 80 13.20 -6.63 -6.93
N MET A 81 12.92 -5.55 -7.65
CA MET A 81 11.82 -5.53 -8.61
C MET A 81 12.46 -5.02 -9.89
N GLU A 82 12.33 -5.80 -10.96
CA GLU A 82 12.84 -5.40 -12.26
C GLU A 82 11.66 -5.24 -13.17
N LEU A 83 11.57 -4.08 -13.82
CA LEU A 83 10.50 -3.78 -14.77
C LEU A 83 11.18 -3.47 -16.10
N SER A 84 10.81 -4.23 -17.14
CA SER A 84 11.40 -4.08 -18.48
C SER A 84 10.39 -3.44 -19.41
N SER A 85 10.83 -3.10 -20.66
CA SER A 85 9.98 -2.48 -21.67
C SER A 85 9.16 -1.30 -21.11
N LEU A 86 9.86 -0.40 -20.39
CA LEU A 86 9.28 0.79 -19.75
C LEU A 86 8.56 1.70 -20.73
N ARG A 87 7.32 2.07 -20.37
CA ARG A 87 6.48 2.98 -21.15
C ARG A 87 6.39 4.22 -20.29
N SER A 88 5.98 5.36 -20.88
CA SER A 88 5.81 6.57 -20.10
C SER A 88 4.75 6.38 -18.98
N GLU A 89 3.82 5.43 -19.17
CA GLU A 89 2.79 5.06 -18.19
C GLU A 89 3.37 4.36 -16.94
N ASP A 90 4.65 3.95 -16.99
CA ASP A 90 5.34 3.32 -15.86
C ASP A 90 5.97 4.37 -14.92
N THR A 91 5.92 5.68 -15.27
CA THR A 91 6.43 6.74 -14.38
C THR A 91 5.60 6.66 -13.09
N ALA A 92 6.26 6.41 -11.96
CA ALA A 92 5.59 6.17 -10.68
C ALA A 92 6.62 6.08 -9.54
N VAL A 93 6.16 6.16 -8.29
CA VAL A 93 6.99 5.90 -7.13
C VAL A 93 6.71 4.40 -6.81
N TYR A 94 7.77 3.61 -6.81
CA TYR A 94 7.71 2.17 -6.58
C TYR A 94 8.06 1.94 -5.15
N TYR A 95 7.22 1.17 -4.46
CA TYR A 95 7.41 0.87 -3.04
C TYR A 95 7.55 -0.60 -2.80
N CYS A 96 8.41 -0.98 -1.84
CA CYS A 96 8.42 -2.35 -1.33
C CYS A 96 7.76 -2.24 0.04
N ALA A 97 7.08 -3.31 0.47
CA ALA A 97 6.40 -3.34 1.76
C ALA A 97 6.44 -4.75 2.31
N ARG A 98 6.64 -4.85 3.62
CA ARG A 98 6.71 -6.14 4.29
C ARG A 98 5.30 -6.52 4.80
N TYR A 99 4.78 -7.65 4.31
CA TYR A 99 3.47 -8.17 4.72
C TYR A 99 3.67 -9.22 5.81
N ASP A 100 2.69 -9.36 6.71
CA ASP A 100 2.68 -10.35 7.79
C ASP A 100 1.26 -10.86 7.93
N TYR A 101 1.07 -12.05 8.53
CA TYR A 101 -0.29 -12.56 8.63
C TYR A 101 -1.08 -12.05 9.90
N PHE A 102 -0.48 -11.30 10.83
CA PHE A 102 -1.24 -10.75 12.00
C PHE A 102 -2.12 -9.59 11.53
N THR A 103 -1.56 -8.69 10.68
CA THR A 103 -2.31 -7.60 10.10
C THR A 103 -2.92 -8.05 8.77
N GLY A 104 -2.24 -8.96 8.09
CA GLY A 104 -2.65 -9.44 6.77
C GLY A 104 -2.27 -8.42 5.70
N THR A 105 -1.42 -7.43 6.07
CA THR A 105 -1.13 -6.38 5.11
C THR A 105 0.32 -5.83 5.27
N GLY A 106 0.69 -4.90 4.40
CA GLY A 106 1.99 -4.25 4.41
C GLY A 106 2.12 -3.27 5.53
N VAL A 107 3.02 -3.55 6.47
CA VAL A 107 3.20 -2.68 7.64
C VAL A 107 4.39 -1.75 7.47
N TYR A 108 5.55 -2.32 7.10
CA TYR A 108 6.76 -1.53 6.97
C TYR A 108 7.02 -1.35 5.50
N TRP A 109 7.17 -0.10 5.09
CA TRP A 109 7.32 0.29 3.69
C TRP A 109 8.67 0.95 3.51
N GLY A 110 9.25 0.75 2.35
CA GLY A 110 10.46 1.48 1.97
C GLY A 110 10.08 2.93 1.69
N GLN A 111 11.07 3.83 1.56
CA GLN A 111 10.80 5.25 1.37
C GLN A 111 10.30 5.51 -0.04
N GLY A 112 10.32 4.48 -0.90
CA GLY A 112 9.89 4.62 -2.29
C GLY A 112 11.04 4.99 -3.23
N THR A 113 10.90 4.58 -4.49
CA THR A 113 11.85 4.88 -5.57
C THR A 113 11.07 5.49 -6.74
N LEU A 114 11.36 6.76 -7.05
CA LEU A 114 10.74 7.41 -8.19
C LEU A 114 11.45 6.92 -9.46
N VAL A 115 10.67 6.36 -10.38
CA VAL A 115 11.18 5.91 -11.67
C VAL A 115 10.49 6.82 -12.69
N THR A 116 11.27 7.66 -13.37
CA THR A 116 10.71 8.60 -14.34
C THR A 116 11.02 8.08 -15.69
N VAL A 117 9.97 7.86 -16.52
CA VAL A 117 10.17 7.41 -17.91
C VAL A 117 9.91 8.62 -18.82
N SER A 118 11.00 9.29 -19.20
CA SER A 118 10.99 10.54 -19.97
C SER A 118 10.48 10.36 -21.40
N VAL A 144 -10.10 -10.41 -12.61
CA VAL A 144 -10.53 -10.95 -11.31
C VAL A 144 -10.25 -9.99 -10.13
N ASP A 145 -9.79 -8.75 -10.42
CA ASP A 145 -9.44 -7.75 -9.42
C ASP A 145 -10.65 -7.23 -8.66
N ILE A 146 -10.52 -7.10 -7.34
CA ILE A 146 -11.59 -6.49 -6.56
C ILE A 146 -11.43 -4.98 -6.73
N VAL A 147 -12.47 -4.30 -7.20
CA VAL A 147 -12.49 -2.85 -7.40
C VAL A 147 -12.79 -2.18 -6.06
N MET A 148 -11.95 -1.21 -5.64
CA MET A 148 -12.09 -0.48 -4.37
C MET A 148 -12.45 0.97 -4.72
N THR A 149 -13.65 1.42 -4.33
CA THR A 149 -14.15 2.77 -4.64
C THR A 149 -14.21 3.62 -3.40
N GLN A 150 -13.36 4.68 -3.35
CA GLN A 150 -13.31 5.59 -2.21
C GLN A 150 -14.10 6.83 -2.43
N THR A 151 -14.75 7.32 -1.38
CA THR A 151 -15.57 8.51 -1.37
C THR A 151 -15.32 9.32 -0.09
N PRO A 152 -15.19 10.68 -0.16
CA PRO A 152 -15.07 11.50 -1.38
C PRO A 152 -13.64 11.43 -1.95
N LEU A 153 -13.42 12.12 -3.07
CA LEU A 153 -12.10 12.22 -3.68
C LEU A 153 -11.20 13.13 -2.84
N SER A 154 -11.76 14.18 -2.24
CA SER A 154 -11.03 15.08 -1.36
C SER A 154 -12.00 15.74 -0.43
N LEU A 155 -11.51 16.21 0.68
CA LEU A 155 -12.33 16.90 1.68
C LEU A 155 -11.43 17.83 2.45
N SER A 156 -12.01 18.89 2.96
CA SER A 156 -11.30 19.84 3.77
C SER A 156 -12.06 19.94 5.05
N VAL A 157 -11.34 20.05 6.14
CA VAL A 157 -12.00 20.03 7.45
C VAL A 157 -11.61 21.24 8.30
N THR A 158 -12.58 21.80 9.05
CA THR A 158 -12.34 22.86 10.03
C THR A 158 -11.51 22.20 11.16
N PRO A 159 -10.37 22.80 11.59
CA PRO A 159 -9.57 22.16 12.66
C PRO A 159 -10.39 21.71 13.86
N GLY A 160 -10.17 20.46 14.29
CA GLY A 160 -10.88 19.89 15.44
C GLY A 160 -12.20 19.23 15.07
N GLN A 161 -12.59 19.29 13.80
CA GLN A 161 -13.85 18.69 13.36
C GLN A 161 -13.63 17.25 12.93
N PRO A 162 -14.68 16.41 12.86
CA PRO A 162 -14.47 15.03 12.39
C PRO A 162 -14.37 14.91 10.88
N ALA A 163 -13.98 13.73 10.40
CA ALA A 163 -13.95 13.42 8.98
C ALA A 163 -14.39 11.97 8.84
N SER A 164 -15.00 11.63 7.69
CA SER A 164 -15.49 10.28 7.39
CA SER A 164 -15.45 10.27 7.40
C SER A 164 -15.15 9.94 5.95
N ILE A 165 -14.46 8.81 5.75
CA ILE A 165 -14.06 8.35 4.42
C ILE A 165 -14.67 6.98 4.21
N SER A 166 -15.30 6.80 3.06
CA SER A 166 -15.95 5.53 2.74
C SER A 166 -15.18 4.78 1.69
N CYS A 167 -15.27 3.44 1.76
CA CYS A 167 -14.66 2.52 0.81
C CYS A 167 -15.69 1.44 0.50
N ARG A 168 -15.95 1.23 -0.78
CA ARG A 168 -16.85 0.15 -1.20
C ARG A 168 -16.07 -0.81 -2.10
N SER A 169 -16.17 -2.12 -1.84
CA SER A 169 -15.49 -3.10 -2.68
C SER A 169 -16.46 -3.77 -3.68
N SER A 170 -15.95 -4.27 -4.82
CA SER A 170 -16.76 -4.93 -5.87
C SER A 170 -17.30 -6.29 -5.39
N ARG A 171 -16.62 -6.93 -4.44
CA ARG A 171 -17.13 -8.16 -3.83
C ARG A 171 -16.72 -8.21 -2.39
N SER A 172 -17.38 -9.08 -1.60
CA SER A 172 -17.14 -9.20 -0.17
C SER A 172 -15.68 -9.41 0.19
N LEU A 173 -15.25 -8.71 1.25
CA LEU A 173 -13.88 -8.83 1.72
C LEU A 173 -13.78 -9.82 2.87
N VAL A 174 -14.88 -10.52 3.18
CA VAL A 174 -14.89 -11.55 4.22
C VAL A 174 -14.05 -12.70 3.69
N HIS A 175 -12.98 -12.99 4.42
CA HIS A 175 -12.06 -14.04 4.05
C HIS A 175 -12.46 -15.39 4.67
N SER A 176 -12.81 -15.35 5.97
CA SER A 176 -13.16 -16.48 6.82
C SER A 176 -13.78 -15.91 8.09
N ARG A 177 -14.30 -16.80 8.96
CA ARG A 177 -14.95 -16.44 10.21
C ARG A 177 -14.06 -15.46 10.99
N GLY A 178 -14.61 -14.30 11.30
CA GLY A 178 -13.92 -13.23 12.03
C GLY A 178 -12.78 -12.53 11.31
N ASN A 179 -12.53 -12.82 10.01
CA ASN A 179 -11.43 -12.23 9.25
C ASN A 179 -11.86 -11.52 7.99
N THR A 180 -11.76 -10.17 7.98
CA THR A 180 -12.04 -9.37 6.79
C THR A 180 -10.79 -8.54 6.55
N TYR A 181 -10.08 -8.73 5.44
CA TYR A 181 -8.82 -8.02 5.23
C TYR A 181 -9.00 -6.71 4.50
N LEU A 182 -9.59 -5.73 5.21
CA LEU A 182 -9.85 -4.39 4.74
C LEU A 182 -9.04 -3.46 5.65
N HIS A 183 -8.18 -2.63 5.05
CA HIS A 183 -7.26 -1.81 5.83
C HIS A 183 -7.30 -0.34 5.40
N TRP A 184 -6.81 0.56 6.29
CA TRP A 184 -6.74 1.98 5.99
C TRP A 184 -5.32 2.46 6.20
N TYR A 185 -4.82 3.20 5.21
CA TYR A 185 -3.47 3.79 5.25
C TYR A 185 -3.60 5.29 5.18
N LEU A 186 -2.59 5.97 5.66
CA LEU A 186 -2.46 7.39 5.48
C LEU A 186 -1.08 7.61 4.88
N GLN A 187 -1.03 8.40 3.80
CA GLN A 187 0.22 8.81 3.20
C GLN A 187 0.34 10.32 3.48
N LYS A 188 1.17 10.67 4.49
CA LYS A 188 1.43 12.07 4.84
C LYS A 188 2.25 12.71 3.69
N PRO A 189 2.18 14.04 3.48
CA PRO A 189 2.91 14.62 2.33
C PRO A 189 4.42 14.34 2.39
N GLY A 190 4.93 13.82 1.28
CA GLY A 190 6.34 13.48 1.13
C GLY A 190 6.74 12.19 1.80
N GLN A 191 5.78 11.42 2.35
CA GLN A 191 6.06 10.17 3.06
C GLN A 191 5.49 8.92 2.34
N SER A 192 5.82 7.75 2.87
CA SER A 192 5.33 6.46 2.41
C SER A 192 3.95 6.22 3.05
N PRO A 193 3.07 5.35 2.48
CA PRO A 193 1.81 5.03 3.20
C PRO A 193 2.14 4.41 4.56
N GLN A 194 1.37 4.79 5.56
CA GLN A 194 1.53 4.18 6.89
C GLN A 194 0.21 3.54 7.27
N LEU A 195 0.30 2.36 7.84
CA LEU A 195 -0.90 1.62 8.28
C LEU A 195 -1.55 2.30 9.50
N LEU A 196 -2.85 2.57 9.40
CA LEU A 196 -3.60 3.12 10.54
C LEU A 196 -4.47 2.04 11.13
N ILE A 197 -5.33 1.44 10.27
CA ILE A 197 -6.31 0.44 10.71
C ILE A 197 -6.13 -0.79 9.88
N TYR A 198 -6.17 -1.97 10.51
CA TYR A 198 -6.12 -3.22 9.73
C TYR A 198 -7.30 -4.06 10.11
N LYS A 199 -7.70 -4.93 9.20
CA LYS A 199 -8.81 -5.87 9.44
C LYS A 199 -10.06 -5.14 9.95
N VAL A 200 -10.46 -4.09 9.22
CA VAL A 200 -11.66 -3.26 9.41
C VAL A 200 -11.55 -2.29 10.57
N SER A 201 -11.19 -2.76 11.79
CA SER A 201 -11.23 -1.90 12.96
C SER A 201 -10.04 -2.05 13.93
N ASN A 202 -9.07 -2.89 13.60
CA ASN A 202 -7.91 -3.00 14.50
C ASN A 202 -7.01 -1.82 14.31
N ARG A 203 -6.54 -1.20 15.41
N ARG A 203 -6.54 -1.21 15.41
CA ARG A 203 -5.68 -0.03 15.32
CA ARG A 203 -5.66 -0.05 15.34
C ARG A 203 -4.23 -0.48 15.45
C ARG A 203 -4.22 -0.51 15.44
N PHE A 204 -3.37 -0.03 14.51
CA PHE A 204 -1.96 -0.38 14.48
C PHE A 204 -1.21 0.40 15.57
N ILE A 205 0.04 0.02 15.83
CA ILE A 205 0.86 0.58 16.91
C ILE A 205 0.96 2.08 16.83
N GLY A 206 0.70 2.73 17.97
CA GLY A 206 0.81 4.18 18.12
C GLY A 206 -0.28 4.97 17.45
N VAL A 207 -1.28 4.28 16.84
CA VAL A 207 -2.38 4.95 16.17
C VAL A 207 -3.34 5.46 17.23
N PRO A 208 -3.58 6.79 17.32
CA PRO A 208 -4.53 7.29 18.35
C PRO A 208 -5.95 6.81 18.13
N ASP A 209 -6.71 6.70 19.22
CA ASP A 209 -8.10 6.25 19.23
C ASP A 209 -9.05 7.18 18.45
N ARG A 210 -8.60 8.36 18.03
CA ARG A 210 -9.46 9.23 17.22
C ARG A 210 -9.70 8.64 15.82
N PHE A 211 -8.83 7.69 15.40
CA PHE A 211 -9.04 6.93 14.13
C PHE A 211 -9.84 5.68 14.45
N SER A 212 -10.97 5.47 13.76
CA SER A 212 -11.77 4.27 13.97
C SER A 212 -12.32 3.74 12.65
N GLY A 213 -12.26 2.44 12.50
CA GLY A 213 -12.73 1.80 11.29
C GLY A 213 -13.97 0.97 11.56
N SER A 214 -14.92 0.97 10.63
CA SER A 214 -16.10 0.12 10.77
C SER A 214 -16.53 -0.41 9.40
N GLY A 215 -17.57 -1.24 9.42
CA GLY A 215 -18.16 -1.79 8.22
C GLY A 215 -18.09 -3.29 8.11
N SER A 216 -18.59 -3.83 7.01
CA SER A 216 -18.59 -5.27 6.78
C SER A 216 -18.91 -5.56 5.34
N GLY A 217 -18.50 -6.75 4.91
CA GLY A 217 -18.75 -7.26 3.57
C GLY A 217 -18.10 -6.42 2.49
N THR A 218 -18.87 -5.50 1.91
CA THR A 218 -18.41 -4.64 0.83
C THR A 218 -18.43 -3.13 1.20
N ASP A 219 -18.94 -2.74 2.38
N ASP A 219 -18.93 -2.80 2.41
CA ASP A 219 -19.03 -1.32 2.69
CA ASP A 219 -19.09 -1.42 2.85
C ASP A 219 -18.35 -0.96 4.02
C ASP A 219 -18.23 -1.09 4.05
N PHE A 220 -17.37 -0.07 3.93
CA PHE A 220 -16.47 0.32 5.02
C PHE A 220 -16.29 1.81 5.20
N THR A 221 -15.98 2.22 6.43
CA THR A 221 -15.79 3.61 6.77
C THR A 221 -14.63 3.80 7.70
N LEU A 222 -13.85 4.84 7.42
CA LEU A 222 -12.81 5.30 8.33
C LEU A 222 -13.35 6.62 8.91
N LYS A 223 -13.41 6.72 10.23
CA LYS A 223 -13.81 7.96 10.91
C LYS A 223 -12.66 8.53 11.69
N ILE A 224 -12.49 9.85 11.63
CA ILE A 224 -11.50 10.58 12.42
C ILE A 224 -12.35 11.47 13.32
N SER A 225 -12.35 11.23 14.62
CA SER A 225 -13.26 11.94 15.53
C SER A 225 -12.98 13.44 15.64
N ARG A 226 -11.69 13.83 15.65
CA ARG A 226 -11.25 15.22 15.74
C ARG A 226 -9.98 15.27 14.87
N VAL A 227 -10.00 16.03 13.76
CA VAL A 227 -8.89 16.13 12.83
C VAL A 227 -7.85 17.13 13.33
N GLU A 228 -6.59 16.66 13.46
CA GLU A 228 -5.40 17.44 13.89
C GLU A 228 -4.60 17.78 12.63
N ALA A 229 -3.69 18.78 12.73
CA ALA A 229 -2.84 19.20 11.62
C ALA A 229 -1.99 18.02 11.09
N GLU A 230 -1.54 17.12 11.98
CA GLU A 230 -0.73 15.98 11.60
C GLU A 230 -1.48 14.94 10.75
N ASP A 231 -2.85 15.04 10.65
CA ASP A 231 -3.67 14.10 9.90
C ASP A 231 -3.79 14.35 8.39
N VAL A 232 -3.27 15.47 7.91
CA VAL A 232 -3.30 15.89 6.51
C VAL A 232 -2.53 14.86 5.64
N GLY A 233 -3.07 14.55 4.48
CA GLY A 233 -2.46 13.58 3.60
C GLY A 233 -3.49 12.85 2.79
N VAL A 234 -3.07 11.75 2.17
CA VAL A 234 -3.97 10.95 1.35
C VAL A 234 -4.24 9.65 2.09
N TYR A 235 -5.52 9.35 2.28
CA TYR A 235 -5.99 8.16 2.96
C TYR A 235 -6.36 7.17 1.90
N TYR A 236 -5.95 5.91 2.10
CA TYR A 236 -6.30 4.83 1.18
C TYR A 236 -6.94 3.66 1.87
N CYS A 237 -7.95 3.04 1.21
CA CYS A 237 -8.42 1.75 1.68
C CYS A 237 -7.68 0.70 0.88
N SER A 238 -7.52 -0.48 1.43
CA SER A 238 -6.80 -1.59 0.81
C SER A 238 -7.48 -2.90 1.19
N GLN A 239 -7.48 -3.86 0.26
CA GLN A 239 -7.98 -5.20 0.56
C GLN A 239 -6.88 -6.21 0.29
N SER A 240 -6.71 -7.14 1.20
CA SER A 240 -5.75 -8.21 0.98
C SER A 240 -6.48 -9.57 1.22
N THR A 241 -7.77 -9.61 0.92
CA THR A 241 -8.56 -10.84 1.06
C THR A 241 -8.25 -11.73 -0.17
N HIS A 242 -8.17 -11.12 -1.34
CA HIS A 242 -7.87 -11.90 -2.56
C HIS A 242 -6.80 -11.28 -3.44
N LEU A 243 -5.94 -12.13 -4.01
CA LEU A 243 -4.92 -11.70 -4.97
C LEU A 243 -5.58 -11.41 -6.31
N PRO A 244 -5.22 -10.31 -7.02
CA PRO A 244 -4.15 -9.33 -6.69
C PRO A 244 -4.65 -8.36 -5.63
N PHE A 245 -3.79 -8.02 -4.64
CA PHE A 245 -4.21 -7.06 -3.62
C PHE A 245 -4.54 -5.74 -4.31
N THR A 246 -5.58 -5.02 -3.85
CA THR A 246 -6.00 -3.80 -4.52
C THR A 246 -6.26 -2.69 -3.53
N PHE A 247 -6.21 -1.45 -4.02
CA PHE A 247 -6.39 -0.27 -3.19
C PHE A 247 -7.40 0.66 -3.79
N GLY A 248 -7.93 1.52 -2.95
CA GLY A 248 -8.76 2.64 -3.33
C GLY A 248 -7.84 3.65 -3.97
N CYS A 249 -8.43 4.60 -4.69
CA CYS A 249 -7.64 5.61 -5.37
C CYS A 249 -7.34 6.83 -4.49
N GLY A 250 -7.71 6.74 -3.21
CA GLY A 250 -7.34 7.74 -2.24
C GLY A 250 -8.28 8.87 -2.03
N THR A 251 -8.19 9.47 -0.83
CA THR A 251 -8.97 10.62 -0.40
C THR A 251 -7.99 11.61 0.14
N LYS A 252 -7.90 12.79 -0.48
CA LYS A 252 -6.98 13.80 0.05
C LYS A 252 -7.73 14.58 1.15
N LEU A 253 -7.13 14.66 2.32
CA LEU A 253 -7.69 15.40 3.45
C LEU A 253 -6.85 16.64 3.67
N GLU A 254 -7.51 17.76 3.78
CA GLU A 254 -6.85 19.04 4.03
C GLU A 254 -7.52 19.71 5.21
N ILE A 255 -6.78 20.57 5.90
CA ILE A 255 -7.34 21.37 6.99
C ILE A 255 -7.57 22.76 6.45
N LYS A 256 -8.82 23.22 6.47
CA LYS A 256 -9.24 24.54 5.99
C LYS A 256 -10.48 25.01 6.77
C1 GOL B . -1.67 10.18 11.89
O1 GOL B . -1.59 11.36 12.67
C2 GOL B . -0.74 9.09 12.38
O2 GOL B . 0.53 9.64 12.75
C3 GOL B . -1.33 8.33 13.55
O3 GOL B . -0.46 7.29 13.97
#